data_1KAG
#
_entry.id   1KAG
#
_cell.length_a   35.726
_cell.length_b   63.417
_cell.length_c   67.941
_cell.angle_alpha   90.00
_cell.angle_beta   91.27
_cell.angle_gamma   90.00
#
_symmetry.space_group_name_H-M   'P 1 21 1'
#
loop_
_entity.id
_entity.type
_entity.pdbx_description
1 polymer 'Shikimate kinase I'
2 water water
#
_entity_poly.entity_id   1
_entity_poly.type   'polypeptide(L)'
_entity_poly.pdbx_seq_one_letter_code
;MAEKRNIFLVGPMGAGKSTIGRQLAQQLNMEFYDSDQEIEKRTGADVGWVFDLEGEEGFRDREEKVINELTEKQGIVLAT
GGGSVKSRETRNRLSARGVVVYLETTIEKQLARTQRDKKRPLLHVETPPREVLEALANERNPLYEEIADVTIRTDDQSAK
VVANQIIHMLESN
;
_entity_poly.pdbx_strand_id   A,B
#
# COMPACT_ATOMS: atom_id res chain seq x y z
N GLU A 3 8.16 15.03 32.03
CA GLU A 3 7.74 13.79 32.75
C GLU A 3 8.06 12.54 31.92
N LYS A 4 7.71 11.38 32.48
CA LYS A 4 7.94 10.10 31.83
C LYS A 4 6.87 9.85 30.76
N ARG A 5 5.78 10.61 30.86
CA ARG A 5 4.65 10.48 29.93
C ARG A 5 5.07 10.31 28.47
N ASN A 6 4.35 9.44 27.77
CA ASN A 6 4.63 9.18 26.36
C ASN A 6 4.40 10.40 25.48
N ILE A 7 5.19 10.51 24.42
CA ILE A 7 5.06 11.60 23.45
C ILE A 7 4.84 10.93 22.09
N PHE A 8 3.69 11.19 21.48
CA PHE A 8 3.36 10.61 20.19
C PHE A 8 3.37 11.69 19.11
N LEU A 9 4.19 11.51 18.08
CA LEU A 9 4.27 12.49 17.01
C LEU A 9 3.40 12.06 15.83
N VAL A 10 2.51 12.94 15.40
CA VAL A 10 1.63 12.64 14.28
C VAL A 10 1.85 13.69 13.20
N GLY A 11 1.49 13.33 11.98
CA GLY A 11 1.65 14.24 10.86
C GLY A 11 1.95 13.45 9.60
N PRO A 12 1.96 14.11 8.43
CA PRO A 12 2.24 13.48 7.14
C PRO A 12 3.70 13.05 6.97
N MET A 13 3.94 12.18 6.00
CA MET A 13 5.30 11.75 5.73
C MET A 13 6.07 13.01 5.36
N GLY A 14 7.30 13.12 5.86
CA GLY A 14 8.12 14.27 5.57
C GLY A 14 7.96 15.38 6.60
N ALA A 15 7.24 15.10 7.68
CA ALA A 15 7.00 16.08 8.73
C ALA A 15 8.18 16.15 9.70
N GLY A 16 9.03 15.13 9.66
CA GLY A 16 10.17 15.09 10.56
C GLY A 16 9.86 14.30 11.82
N LYS A 17 8.85 13.44 11.74
CA LYS A 17 8.47 12.64 12.90
C LYS A 17 9.64 11.84 13.45
N SER A 18 10.36 11.15 12.59
CA SER A 18 11.51 10.34 13.02
C SER A 18 12.69 11.18 13.50
N THR A 19 13.04 12.21 12.75
CA THR A 19 14.18 13.05 13.12
C THR A 19 13.92 13.83 14.41
N ILE A 20 12.75 14.45 14.51
CA ILE A 20 12.42 15.21 15.70
C ILE A 20 12.21 14.26 16.89
N GLY A 21 11.61 13.11 16.62
CA GLY A 21 11.36 12.15 17.69
C GLY A 21 12.63 11.56 18.28
N ARG A 22 13.63 11.31 17.45
CA ARG A 22 14.87 10.76 17.94
C ARG A 22 15.56 11.80 18.85
N GLN A 23 15.53 13.06 18.44
CA GLN A 23 16.13 14.14 19.21
C GLN A 23 15.43 14.31 20.55
N LEU A 24 14.10 14.20 20.53
CA LEU A 24 13.31 14.31 21.75
C LEU A 24 13.69 13.19 22.70
N ALA A 25 13.70 11.96 22.18
CA ALA A 25 14.04 10.79 22.98
C ALA A 25 15.40 10.90 23.65
N GLN A 26 16.38 11.41 22.91
CA GLN A 26 17.74 11.56 23.43
C GLN A 26 17.86 12.69 24.44
N GLN A 27 17.14 13.79 24.22
CA GLN A 27 17.20 14.91 25.15
C GLN A 27 16.44 14.59 26.43
N LEU A 28 15.41 13.76 26.33
CA LEU A 28 14.61 13.39 27.49
C LEU A 28 14.97 12.00 28.02
N ASN A 29 15.96 11.38 27.41
CA ASN A 29 16.41 10.05 27.83
C ASN A 29 15.27 9.03 27.80
N MET A 30 14.56 8.96 26.68
CA MET A 30 13.45 8.04 26.54
C MET A 30 13.68 7.08 25.37
N GLU A 31 12.82 6.09 25.22
CA GLU A 31 12.93 5.14 24.13
C GLU A 31 12.27 5.73 22.89
N PHE A 32 12.87 5.51 21.74
CA PHE A 32 12.28 6.00 20.50
C PHE A 32 11.78 4.82 19.69
N TYR A 33 10.59 4.98 19.11
CA TYR A 33 10.00 3.97 18.24
C TYR A 33 9.41 4.65 17.02
N ASP A 34 9.39 3.91 15.92
CA ASP A 34 8.84 4.36 14.65
C ASP A 34 7.94 3.19 14.24
N SER A 35 6.63 3.40 14.18
CA SER A 35 5.72 2.31 13.82
C SER A 35 6.06 1.68 12.47
N ASP A 36 6.55 2.47 11.51
CA ASP A 36 6.92 1.90 10.22
C ASP A 36 8.08 0.93 10.42
N GLN A 37 9.02 1.32 11.29
CA GLN A 37 10.20 0.49 11.60
C GLN A 37 9.82 -0.79 12.34
N GLU A 38 8.79 -0.72 13.17
CA GLU A 38 8.34 -1.89 13.91
C GLU A 38 7.70 -2.88 12.95
N ILE A 39 7.01 -2.35 11.94
CA ILE A 39 6.38 -3.20 10.93
C ILE A 39 7.45 -3.92 10.12
N GLU A 40 8.50 -3.20 9.76
CA GLU A 40 9.59 -3.79 9.00
C GLU A 40 10.26 -4.86 9.86
N LYS A 41 10.38 -4.58 11.15
CA LYS A 41 11.00 -5.53 12.07
C LYS A 41 10.19 -6.80 12.19
N ARG A 42 8.86 -6.67 12.19
CA ARG A 42 8.00 -7.84 12.32
C ARG A 42 7.79 -8.65 11.04
N THR A 43 7.96 -8.01 9.89
CA THR A 43 7.78 -8.66 8.60
C THR A 43 9.10 -8.93 7.92
N GLY A 44 10.17 -8.36 8.46
CA GLY A 44 11.48 -8.52 7.87
C GLY A 44 11.56 -7.90 6.48
N ALA A 45 10.67 -6.95 6.17
CA ALA A 45 10.70 -6.32 4.85
C ALA A 45 10.48 -4.80 4.86
N ASP A 46 10.82 -4.16 3.73
CA ASP A 46 10.64 -2.73 3.56
C ASP A 46 9.17 -2.44 3.78
N VAL A 47 8.87 -1.36 4.50
CA VAL A 47 7.50 -1.01 4.81
C VAL A 47 6.65 -0.78 3.56
N GLY A 48 7.24 -0.15 2.56
CA GLY A 48 6.53 0.13 1.32
C GLY A 48 6.19 -1.16 0.58
N TRP A 49 7.08 -2.15 0.71
CA TRP A 49 6.88 -3.44 0.07
C TRP A 49 5.69 -4.14 0.72
N VAL A 50 5.63 -4.07 2.05
CA VAL A 50 4.53 -4.69 2.80
C VAL A 50 3.20 -4.03 2.40
N PHE A 51 3.23 -2.71 2.23
CA PHE A 51 2.04 -1.94 1.81
C PHE A 51 1.57 -2.42 0.43
N ASP A 52 2.48 -2.42 -0.55
CA ASP A 52 2.16 -2.84 -1.91
C ASP A 52 1.66 -4.28 -2.03
N LEU A 53 2.29 -5.20 -1.32
CA LEU A 53 1.88 -6.60 -1.38
C LEU A 53 0.62 -6.93 -0.61
N GLU A 54 0.49 -6.39 0.60
CA GLU A 54 -0.69 -6.67 1.40
C GLU A 54 -1.90 -5.80 1.08
N GLY A 55 -1.66 -4.67 0.44
CA GLY A 55 -2.77 -3.79 0.14
C GLY A 55 -3.08 -2.97 1.39
N GLU A 56 -3.82 -1.89 1.19
CA GLU A 56 -4.22 -0.98 2.26
C GLU A 56 -4.88 -1.66 3.45
N GLU A 57 -5.89 -2.48 3.16
CA GLU A 57 -6.66 -3.18 4.18
C GLU A 57 -5.78 -3.96 5.16
N GLY A 58 -4.94 -4.85 4.62
CA GLY A 58 -4.05 -5.64 5.46
C GLY A 58 -3.00 -4.82 6.18
N PHE A 59 -2.43 -3.83 5.49
CA PHE A 59 -1.41 -2.98 6.08
C PHE A 59 -2.00 -2.20 7.25
N ARG A 60 -3.14 -1.56 7.04
CA ARG A 60 -3.76 -0.79 8.10
C ARG A 60 -4.08 -1.63 9.34
N ASP A 61 -4.51 -2.87 9.14
CA ASP A 61 -4.81 -3.74 10.27
C ASP A 61 -3.53 -4.03 11.07
N ARG A 62 -2.47 -4.40 10.35
CA ARG A 62 -1.17 -4.69 10.97
C ARG A 62 -0.64 -3.47 11.70
N GLU A 63 -0.75 -2.30 11.06
CA GLU A 63 -0.29 -1.04 11.65
C GLU A 63 -1.02 -0.72 12.94
N GLU A 64 -2.34 -0.89 12.92
CA GLU A 64 -3.18 -0.63 14.09
C GLU A 64 -2.77 -1.51 15.26
N LYS A 65 -2.46 -2.77 14.97
CA LYS A 65 -2.06 -3.70 16.03
C LYS A 65 -0.70 -3.30 16.58
N VAL A 66 0.22 -2.95 15.69
CA VAL A 66 1.56 -2.52 16.10
C VAL A 66 1.45 -1.29 17.02
N ILE A 67 0.68 -0.30 16.61
CA ILE A 67 0.50 0.95 17.34
C ILE A 67 -0.19 0.68 18.69
N ASN A 68 -1.19 -0.19 18.71
CA ASN A 68 -1.87 -0.50 19.97
C ASN A 68 -0.83 -1.00 20.97
N GLU A 69 0.06 -1.89 20.53
CA GLU A 69 1.10 -2.44 21.40
C GLU A 69 2.16 -1.43 21.83
N LEU A 70 2.63 -0.60 20.89
CA LEU A 70 3.65 0.38 21.23
C LEU A 70 3.12 1.41 22.23
N THR A 71 1.89 1.87 22.02
CA THR A 71 1.31 2.89 22.87
C THR A 71 1.05 2.43 24.30
N GLU A 72 1.09 1.12 24.51
CA GLU A 72 0.89 0.55 25.84
C GLU A 72 2.20 0.61 26.64
N LYS A 73 3.30 0.92 25.96
CA LYS A 73 4.58 1.03 26.65
C LYS A 73 4.59 2.33 27.46
N GLN A 74 5.62 2.51 28.28
CA GLN A 74 5.73 3.70 29.12
C GLN A 74 7.07 4.41 28.88
N GLY A 75 7.05 5.74 28.82
CA GLY A 75 8.27 6.50 28.62
C GLY A 75 8.86 6.40 27.22
N ILE A 76 8.01 6.38 26.20
CA ILE A 76 8.54 6.30 24.84
C ILE A 76 8.12 7.50 23.99
N VAL A 77 8.87 7.72 22.91
CA VAL A 77 8.54 8.77 21.95
C VAL A 77 8.22 7.96 20.69
N LEU A 78 7.02 8.12 20.18
CA LEU A 78 6.62 7.36 19.01
C LEU A 78 6.35 8.19 17.75
N ALA A 79 7.02 7.82 16.66
CA ALA A 79 6.81 8.48 15.38
C ALA A 79 5.76 7.57 14.75
N THR A 80 4.51 8.05 14.66
CA THR A 80 3.44 7.23 14.13
C THR A 80 3.35 7.37 12.62
N GLY A 81 2.84 6.32 11.96
CA GLY A 81 2.68 6.34 10.51
C GLY A 81 1.73 7.46 10.09
N GLY A 82 2.01 8.05 8.93
CA GLY A 82 1.18 9.13 8.42
C GLY A 82 -0.30 8.85 8.34
N GLY A 83 -0.65 7.64 7.90
CA GLY A 83 -2.05 7.29 7.76
C GLY A 83 -2.60 6.47 8.92
N SER A 84 -1.82 6.34 9.99
CA SER A 84 -2.28 5.57 11.15
C SER A 84 -3.49 6.23 11.83
N VAL A 85 -3.66 7.53 11.61
CA VAL A 85 -4.77 8.26 12.21
C VAL A 85 -6.13 7.97 11.56
N LYS A 86 -6.12 7.20 10.48
CA LYS A 86 -7.34 6.84 9.78
C LYS A 86 -8.22 6.00 10.72
N SER A 87 -7.58 5.10 11.48
CA SER A 87 -8.32 4.27 12.42
C SER A 87 -8.81 5.06 13.62
N ARG A 88 -10.12 5.07 13.84
CA ARG A 88 -10.68 5.78 14.97
C ARG A 88 -10.16 5.20 16.30
N GLU A 89 -10.03 3.88 16.36
CA GLU A 89 -9.54 3.24 17.59
C GLU A 89 -8.11 3.68 17.87
N THR A 90 -7.29 3.76 16.83
CA THR A 90 -5.91 4.21 17.03
C THR A 90 -5.90 5.65 17.55
N ARG A 91 -6.74 6.51 16.98
CA ARG A 91 -6.75 7.90 17.43
C ARG A 91 -7.15 8.03 18.88
N ASN A 92 -8.10 7.21 19.32
CA ASN A 92 -8.52 7.27 20.70
C ASN A 92 -7.43 6.72 21.60
N ARG A 93 -6.68 5.75 21.11
CA ARG A 93 -5.60 5.18 21.91
C ARG A 93 -4.44 6.17 22.05
N LEU A 94 -4.10 6.83 20.95
CA LEU A 94 -3.03 7.83 20.94
C LEU A 94 -3.35 8.95 21.93
N SER A 95 -4.58 9.47 21.88
CA SER A 95 -4.98 10.56 22.76
C SER A 95 -4.91 10.12 24.22
N ALA A 96 -5.43 8.95 24.53
CA ALA A 96 -5.46 8.47 25.91
C ALA A 96 -4.12 8.03 26.47
N ARG A 97 -3.23 7.53 25.62
CA ARG A 97 -1.96 7.00 26.10
C ARG A 97 -0.74 7.88 26.14
N GLY A 98 -0.88 9.12 25.69
CA GLY A 98 0.26 10.03 25.73
C GLY A 98 -0.10 11.41 25.24
N VAL A 99 0.90 12.28 25.17
CA VAL A 99 0.70 13.64 24.69
C VAL A 99 0.92 13.59 23.18
N VAL A 100 -0.10 13.98 22.41
CA VAL A 100 -0.02 13.97 20.96
C VAL A 100 0.50 15.29 20.39
N VAL A 101 1.65 15.22 19.71
CA VAL A 101 2.25 16.40 19.10
C VAL A 101 2.11 16.29 17.58
N TYR A 102 1.36 17.23 17.01
CA TYR A 102 1.12 17.28 15.58
C TYR A 102 2.10 18.19 14.86
N LEU A 103 2.92 17.61 14.01
CA LEU A 103 3.89 18.37 13.24
C LEU A 103 3.21 18.81 11.95
N GLU A 104 2.58 19.97 12.00
CA GLU A 104 1.87 20.51 10.85
C GLU A 104 2.92 20.82 9.77
N THR A 105 2.68 20.28 8.58
CA THR A 105 3.62 20.42 7.47
C THR A 105 2.98 20.87 6.16
N THR A 106 3.62 21.81 5.47
CA THR A 106 3.09 22.32 4.20
C THR A 106 3.28 21.27 3.11
N ILE A 107 2.52 21.42 2.03
CA ILE A 107 2.70 20.49 0.91
C ILE A 107 4.13 20.52 0.37
N GLU A 108 4.64 21.77 0.32
CA GLU A 108 6.00 22.02 -0.16
C GLU A 108 7.02 21.21 0.63
N LYS A 109 6.95 21.28 1.96
CA LYS A 109 7.90 20.54 2.79
C LYS A 109 7.74 19.03 2.57
N GLN A 110 6.51 18.57 2.38
CA GLN A 110 6.25 17.15 2.14
C GLN A 110 6.95 16.67 0.85
N LEU A 111 7.07 17.55 -0.13
CA LEU A 111 7.72 17.20 -1.39
C LEU A 111 9.24 17.25 -1.31
N ALA A 112 9.47 17.76 -0.11
CA ALA A 112 10.88 18.14 -0.06
C ALA A 112 11.86 17.08 0.43
N ARG A 113 13.34 17.01 -0.17
CA ARG A 113 14.37 16.03 -0.50
C ARG A 113 15.07 14.68 -0.35
N THR A 114 15.27 13.96 0.21
CA THR A 114 14.93 12.44 0.51
C THR A 114 13.51 12.02 0.89
N PRO A 121 12.53 4.06 7.19
CA PRO A 121 11.45 3.46 6.39
C PRO A 121 10.74 4.48 5.50
N LEU A 122 10.41 4.06 4.29
CA LEU A 122 9.71 4.91 3.33
C LEU A 122 8.49 4.15 2.83
N LEU A 123 7.30 4.67 3.14
CA LEU A 123 6.08 3.99 2.71
C LEU A 123 5.98 4.02 1.18
N HIS A 124 6.50 5.08 0.58
CA HIS A 124 6.49 5.26 -0.88
C HIS A 124 7.86 5.71 -1.36
N VAL A 125 8.43 4.98 -2.32
CA VAL A 125 9.74 5.29 -2.89
C VAL A 125 9.85 6.68 -3.51
N GLU A 126 8.83 7.12 -4.24
CA GLU A 126 8.89 8.42 -4.86
C GLU A 126 7.74 9.34 -4.47
N THR A 127 8.00 10.64 -4.49
CA THR A 127 7.01 11.64 -4.15
C THR A 127 5.92 11.58 -5.23
N PRO A 128 4.67 11.93 -4.87
CA PRO A 128 3.60 11.89 -5.85
C PRO A 128 3.36 13.30 -6.38
N PRO A 129 2.38 13.45 -7.28
CA PRO A 129 2.11 14.79 -7.80
C PRO A 129 1.53 15.61 -6.65
N ARG A 130 1.68 16.93 -6.72
CA ARG A 130 1.15 17.81 -5.67
C ARG A 130 -0.33 17.51 -5.37
N GLU A 131 -1.11 17.31 -6.42
CA GLU A 131 -2.54 17.02 -6.29
C GLU A 131 -2.85 15.88 -5.31
N VAL A 132 -2.04 14.83 -5.35
CA VAL A 132 -2.22 13.68 -4.46
C VAL A 132 -2.02 14.10 -3.00
N LEU A 133 -0.95 14.86 -2.76
CA LEU A 133 -0.64 15.31 -1.42
C LEU A 133 -1.70 16.27 -0.90
N GLU A 134 -2.24 17.09 -1.79
CA GLU A 134 -3.29 18.04 -1.40
C GLU A 134 -4.54 17.25 -1.01
N ALA A 135 -4.83 16.24 -1.81
CA ALA A 135 -5.99 15.38 -1.59
C ALA A 135 -5.86 14.65 -0.25
N LEU A 136 -4.66 14.17 0.04
CA LEU A 136 -4.40 13.46 1.29
C LEU A 136 -4.57 14.39 2.49
N ALA A 137 -4.04 15.60 2.37
CA ALA A 137 -4.13 16.59 3.43
C ALA A 137 -5.57 16.98 3.75
N ASN A 138 -6.42 17.01 2.72
CA ASN A 138 -7.82 17.37 2.94
C ASN A 138 -8.52 16.32 3.79
N GLU A 139 -8.07 15.08 3.66
CA GLU A 139 -8.66 14.00 4.44
C GLU A 139 -8.00 13.85 5.81
N ARG A 140 -6.69 14.00 5.85
CA ARG A 140 -5.98 13.77 7.11
C ARG A 140 -5.75 14.93 8.06
N ASN A 141 -5.61 16.14 7.54
CA ASN A 141 -5.40 17.29 8.42
C ASN A 141 -6.46 17.37 9.53
N PRO A 142 -7.74 17.15 9.20
CA PRO A 142 -8.72 17.24 10.29
C PRO A 142 -8.53 16.13 11.35
N LEU A 143 -7.95 15.01 10.93
CA LEU A 143 -7.72 13.89 11.85
C LEU A 143 -6.56 14.23 12.79
N TYR A 144 -5.49 14.79 12.24
CA TYR A 144 -4.33 15.17 13.04
C TYR A 144 -4.77 16.23 14.05
N GLU A 145 -5.54 17.20 13.59
CA GLU A 145 -5.97 18.30 14.44
C GLU A 145 -6.92 17.82 15.54
N GLU A 146 -7.73 16.81 15.27
CA GLU A 146 -8.68 16.30 16.25
C GLU A 146 -7.98 15.76 17.49
N ILE A 147 -6.82 15.13 17.30
CA ILE A 147 -6.10 14.53 18.43
C ILE A 147 -4.88 15.29 18.94
N ALA A 148 -4.49 16.36 18.27
CA ALA A 148 -3.32 17.12 18.69
C ALA A 148 -3.48 17.79 20.05
N ASP A 149 -2.50 17.58 20.92
CA ASP A 149 -2.48 18.23 22.23
C ASP A 149 -1.56 19.44 22.06
N VAL A 150 -0.57 19.27 21.19
CA VAL A 150 0.39 20.32 20.87
C VAL A 150 0.57 20.34 19.37
N THR A 151 0.55 21.53 18.78
CA THR A 151 0.71 21.64 17.33
C THR A 151 1.90 22.54 17.00
N ILE A 152 2.77 22.05 16.13
CA ILE A 152 3.94 22.80 15.71
C ILE A 152 3.85 23.01 14.20
N SER A 158 15.97 23.32 12.71
CA SER A 158 16.64 22.06 13.03
C SER A 158 15.78 21.20 13.93
N ALA A 159 16.10 19.91 13.98
CA ALA A 159 15.36 18.96 14.82
C ALA A 159 15.60 19.31 16.28
N LYS A 160 16.85 19.66 16.61
CA LYS A 160 17.22 20.04 17.97
C LYS A 160 16.39 21.21 18.48
N VAL A 161 16.28 22.24 17.66
CA VAL A 161 15.49 23.42 18.02
C VAL A 161 14.03 23.06 18.24
N VAL A 162 13.42 22.39 17.26
CA VAL A 162 12.01 22.00 17.39
C VAL A 162 11.83 21.10 18.61
N ALA A 163 12.75 20.17 18.82
CA ALA A 163 12.64 19.27 19.97
C ALA A 163 12.57 20.04 21.29
N ASN A 164 13.44 21.02 21.48
CA ASN A 164 13.41 21.81 22.70
C ASN A 164 12.19 22.69 22.78
N GLN A 165 11.71 23.17 21.63
CA GLN A 165 10.52 24.01 21.62
C GLN A 165 9.34 23.18 22.10
N ILE A 166 9.22 21.96 21.57
CA ILE A 166 8.14 21.09 21.98
C ILE A 166 8.23 20.90 23.49
N ILE A 167 9.44 20.61 23.96
CA ILE A 167 9.70 20.41 25.38
C ILE A 167 9.24 21.62 26.20
N HIS A 168 9.57 22.82 25.73
CA HIS A 168 9.17 24.04 26.41
C HIS A 168 7.65 24.16 26.47
N MET A 169 6.99 23.67 25.43
CA MET A 169 5.53 23.73 25.38
C MET A 169 4.91 22.72 26.36
N LEU A 170 5.55 21.57 26.50
CA LEU A 170 5.06 20.53 27.41
C LEU A 170 5.28 20.95 28.86
N GLU A 171 6.23 21.86 29.06
CA GLU A 171 6.56 22.34 30.40
C GLU A 171 5.55 23.37 30.88
N GLU B 3 -11.75 -17.80 -33.83
CA GLU B 3 -12.33 -16.87 -32.81
C GLU B 3 -11.28 -15.86 -32.35
N LYS B 4 -11.73 -14.87 -31.59
CA LYS B 4 -10.84 -13.83 -31.07
C LYS B 4 -11.38 -13.33 -29.72
N ARG B 5 -11.52 -14.25 -28.78
CA ARG B 5 -12.03 -13.89 -27.45
C ARG B 5 -10.90 -13.32 -26.62
N ASN B 6 -11.27 -12.63 -25.54
CA ASN B 6 -10.30 -12.02 -24.65
C ASN B 6 -9.55 -13.03 -23.79
N ILE B 7 -8.32 -12.66 -23.43
CA ILE B 7 -7.48 -13.48 -22.58
C ILE B 7 -7.21 -12.61 -21.35
N PHE B 8 -7.68 -13.06 -20.19
CA PHE B 8 -7.50 -12.33 -18.94
C PHE B 8 -6.48 -13.06 -18.06
N LEU B 9 -5.34 -12.42 -17.79
CA LEU B 9 -4.30 -13.03 -16.97
C LEU B 9 -4.46 -12.69 -15.48
N VAL B 10 -4.47 -13.71 -14.63
CA VAL B 10 -4.61 -13.53 -13.19
C VAL B 10 -3.47 -14.24 -12.44
N GLY B 11 -3.17 -13.76 -11.25
CA GLY B 11 -2.09 -14.33 -10.47
C GLY B 11 -1.50 -13.29 -9.55
N PRO B 12 -0.65 -13.70 -8.62
CA PRO B 12 -0.04 -12.76 -7.67
C PRO B 12 0.92 -11.78 -8.31
N MET B 13 1.23 -10.71 -7.59
CA MET B 13 2.20 -9.74 -8.07
C MET B 13 3.49 -10.52 -8.29
N GLY B 14 4.25 -10.15 -9.32
CA GLY B 14 5.50 -10.84 -9.60
C GLY B 14 5.35 -12.08 -10.47
N ALA B 15 4.15 -12.34 -10.96
CA ALA B 15 3.89 -13.50 -11.80
C ALA B 15 4.34 -13.25 -13.23
N GLY B 16 4.69 -12.00 -13.53
CA GLY B 16 5.10 -11.65 -14.87
C GLY B 16 3.92 -11.50 -15.82
N LYS B 17 2.76 -11.17 -15.26
CA LYS B 17 1.54 -11.00 -16.06
C LYS B 17 1.70 -9.97 -17.17
N SER B 18 2.26 -8.82 -16.82
CA SER B 18 2.46 -7.75 -17.76
C SER B 18 3.38 -8.14 -18.91
N THR B 19 4.52 -8.73 -18.57
CA THR B 19 5.50 -9.15 -19.57
C THR B 19 4.95 -10.28 -20.45
N ILE B 20 4.40 -11.30 -19.81
CA ILE B 20 3.83 -12.42 -20.55
C ILE B 20 2.63 -11.94 -21.38
N GLY B 21 1.93 -10.93 -20.87
CA GLY B 21 0.79 -10.39 -21.56
C GLY B 21 1.14 -9.71 -22.88
N ARG B 22 2.20 -8.91 -22.86
CA ARG B 22 2.66 -8.20 -24.05
C ARG B 22 3.14 -9.18 -25.12
N GLN B 23 3.89 -10.20 -24.71
CA GLN B 23 4.38 -11.19 -25.65
C GLN B 23 3.20 -11.93 -26.27
N LEU B 24 2.22 -12.26 -25.43
CA LEU B 24 1.03 -12.97 -25.90
C LEU B 24 0.24 -12.11 -26.89
N ALA B 25 0.05 -10.83 -26.55
CA ALA B 25 -0.69 -9.93 -27.42
C ALA B 25 -0.01 -9.78 -28.78
N GLN B 26 1.30 -9.61 -28.79
CA GLN B 26 2.02 -9.47 -30.06
C GLN B 26 1.95 -10.72 -30.93
N GLN B 27 2.06 -11.90 -30.31
CA GLN B 27 2.01 -13.15 -31.07
C GLN B 27 0.61 -13.44 -31.61
N LEU B 28 -0.42 -12.90 -30.96
CA LEU B 28 -1.80 -13.12 -31.39
C LEU B 28 -2.40 -11.90 -32.07
N ASN B 29 -1.59 -10.85 -32.19
CA ASN B 29 -2.01 -9.60 -32.81
C ASN B 29 -3.24 -9.03 -32.11
N MET B 30 -3.19 -9.04 -30.79
CA MET B 30 -4.27 -8.51 -29.97
C MET B 30 -3.78 -7.27 -29.24
N GLU B 31 -4.70 -6.54 -28.62
CA GLU B 31 -4.32 -5.35 -27.89
C GLU B 31 -4.08 -5.71 -26.43
N PHE B 32 -3.03 -5.13 -25.86
CA PHE B 32 -2.67 -5.37 -24.47
C PHE B 32 -3.07 -4.22 -23.55
N TYR B 33 -3.55 -4.58 -22.36
CA TYR B 33 -3.95 -3.60 -21.35
C TYR B 33 -3.58 -4.18 -19.98
N ASP B 34 -3.10 -3.31 -19.10
CA ASP B 34 -2.70 -3.68 -17.75
C ASP B 34 -3.55 -2.81 -16.81
N SER B 35 -4.37 -3.44 -15.96
CA SER B 35 -5.22 -2.68 -15.05
C SER B 35 -4.49 -1.68 -14.14
N ASP B 36 -3.37 -2.09 -13.54
CA ASP B 36 -2.60 -1.18 -12.69
C ASP B 36 -2.11 -0.01 -13.53
N GLN B 37 -1.53 -0.31 -14.69
CA GLN B 37 -1.02 0.74 -15.58
C GLN B 37 -2.14 1.70 -15.95
N GLU B 38 -3.29 1.12 -16.28
CA GLU B 38 -4.46 1.91 -16.65
C GLU B 38 -4.78 2.88 -15.50
N ILE B 39 -4.79 2.37 -14.28
CA ILE B 39 -5.08 3.20 -13.10
C ILE B 39 -4.07 4.34 -12.92
N GLU B 40 -2.78 4.04 -13.12
CA GLU B 40 -1.73 5.05 -12.96
C GLU B 40 -1.81 6.10 -14.05
N LYS B 41 -2.20 5.67 -15.26
CA LYS B 41 -2.31 6.58 -16.38
C LYS B 41 -3.52 7.49 -16.19
N ARG B 42 -4.61 6.92 -15.70
CA ARG B 42 -5.84 7.69 -15.48
C ARG B 42 -5.77 8.67 -14.31
N THR B 43 -5.01 8.34 -13.27
CA THR B 43 -4.88 9.21 -12.10
C THR B 43 -3.64 10.09 -12.18
N GLY B 44 -2.61 9.60 -12.86
CA GLY B 44 -1.37 10.36 -12.97
C GLY B 44 -0.47 10.09 -11.78
N ALA B 45 -0.84 9.11 -10.97
CA ALA B 45 -0.06 8.74 -9.79
C ALA B 45 0.16 7.23 -9.73
N ASP B 46 1.25 6.81 -9.08
CA ASP B 46 1.53 5.38 -8.95
C ASP B 46 0.38 4.69 -8.21
N VAL B 47 0.20 3.40 -8.48
CA VAL B 47 -0.87 2.64 -7.84
C VAL B 47 -0.78 2.72 -6.32
N GLY B 48 0.43 2.65 -5.79
CA GLY B 48 0.62 2.71 -4.35
C GLY B 48 0.08 3.99 -3.73
N TRP B 49 0.28 5.11 -4.39
CA TRP B 49 -0.23 6.37 -3.86
C TRP B 49 -1.75 6.44 -3.93
N VAL B 50 -2.33 5.90 -5.00
CA VAL B 50 -3.78 5.90 -5.16
C VAL B 50 -4.39 5.05 -4.04
N PHE B 51 -3.73 3.95 -3.74
CA PHE B 51 -4.19 3.02 -2.70
C PHE B 51 -4.16 3.75 -1.36
N ASP B 52 -3.06 4.44 -1.09
CA ASP B 52 -2.91 5.16 0.15
C ASP B 52 -3.99 6.25 0.30
N LEU B 53 -4.18 7.04 -0.76
CA LEU B 53 -5.16 8.12 -0.74
C LEU B 53 -6.61 7.65 -0.61
N GLU B 54 -6.99 6.69 -1.45
CA GLU B 54 -8.36 6.20 -1.46
C GLU B 54 -8.73 5.12 -0.48
N GLY B 55 -7.73 4.47 0.12
CA GLY B 55 -8.03 3.40 1.05
C GLY B 55 -8.42 2.14 0.29
N GLU B 56 -8.64 1.05 1.02
CA GLU B 56 -8.97 -0.23 0.41
C GLU B 56 -10.23 -0.14 -0.44
N GLU B 57 -11.36 0.07 0.21
CA GLU B 57 -12.65 0.15 -0.48
C GLU B 57 -12.54 1.07 -1.69
N GLY B 58 -12.03 2.28 -1.47
CA GLY B 58 -11.88 3.26 -2.53
C GLY B 58 -11.10 2.74 -3.73
N PHE B 59 -9.90 2.25 -3.50
CA PHE B 59 -9.08 1.73 -4.60
C PHE B 59 -9.73 0.56 -5.33
N ARG B 60 -10.29 -0.38 -4.57
CA ARG B 60 -10.94 -1.54 -5.16
C ARG B 60 -12.12 -1.14 -6.03
N ASP B 61 -12.85 -0.11 -5.60
CA ASP B 61 -14.00 0.38 -6.35
C ASP B 61 -13.51 0.91 -7.68
N ARG B 62 -12.41 1.65 -7.65
CA ARG B 62 -11.84 2.21 -8.88
C ARG B 62 -11.33 1.07 -9.76
N GLU B 63 -10.71 0.07 -9.14
CA GLU B 63 -10.16 -1.07 -9.87
C GLU B 63 -11.28 -1.85 -10.55
N GLU B 64 -12.35 -2.13 -9.81
CA GLU B 64 -13.50 -2.86 -10.35
C GLU B 64 -14.05 -2.14 -11.58
N LYS B 65 -14.04 -0.81 -11.52
CA LYS B 65 -14.54 0.03 -12.61
C LYS B 65 -13.63 -0.01 -13.82
N VAL B 66 -12.33 0.06 -13.58
CA VAL B 66 -11.39 0.04 -14.69
C VAL B 66 -11.48 -1.30 -15.41
N ILE B 67 -11.49 -2.39 -14.65
CA ILE B 67 -11.59 -3.71 -15.22
C ILE B 67 -12.94 -3.93 -15.91
N ASN B 68 -14.00 -3.31 -15.39
CA ASN B 68 -15.32 -3.45 -16.02
C ASN B 68 -15.20 -2.88 -17.43
N GLU B 69 -14.70 -1.65 -17.53
CA GLU B 69 -14.54 -0.97 -18.82
C GLU B 69 -13.63 -1.76 -19.75
N LEU B 70 -12.51 -2.24 -19.22
CA LEU B 70 -11.55 -2.98 -20.04
C LEU B 70 -12.08 -4.30 -20.59
N THR B 71 -12.84 -5.02 -19.79
CA THR B 71 -13.37 -6.31 -20.23
C THR B 71 -14.50 -6.22 -21.26
N GLU B 72 -15.05 -5.03 -21.44
CA GLU B 72 -16.12 -4.83 -22.42
C GLU B 72 -15.53 -4.84 -23.82
N LYS B 73 -14.23 -4.56 -23.90
CA LYS B 73 -13.52 -4.55 -25.18
C LYS B 73 -13.47 -5.96 -25.76
N GLN B 74 -13.08 -6.05 -27.03
CA GLN B 74 -12.96 -7.33 -27.71
C GLN B 74 -11.55 -7.52 -28.25
N GLY B 75 -11.04 -8.75 -28.15
CA GLY B 75 -9.70 -9.04 -28.66
C GLY B 75 -8.53 -8.44 -27.88
N ILE B 76 -8.63 -8.39 -26.56
CA ILE B 76 -7.54 -7.85 -25.75
C ILE B 76 -6.96 -8.91 -24.80
N VAL B 77 -5.72 -8.67 -24.39
CA VAL B 77 -5.04 -9.51 -23.42
C VAL B 77 -4.95 -8.56 -22.22
N LEU B 78 -5.64 -8.90 -21.14
CA LEU B 78 -5.63 -8.03 -19.98
C LEU B 78 -4.81 -8.55 -18.82
N ALA B 79 -3.92 -7.71 -18.30
CA ALA B 79 -3.09 -8.09 -17.16
C ALA B 79 -3.72 -7.44 -15.92
N THR B 80 -4.32 -8.25 -15.04
CA THR B 80 -4.94 -7.70 -13.84
C THR B 80 -3.91 -7.54 -12.73
N GLY B 81 -4.33 -6.95 -11.62
CA GLY B 81 -3.44 -6.76 -10.50
C GLY B 81 -3.53 -7.94 -9.56
N GLY B 82 -2.58 -8.07 -8.65
CA GLY B 82 -2.58 -9.19 -7.71
C GLY B 82 -3.83 -9.31 -6.86
N GLY B 83 -4.35 -8.18 -6.39
CA GLY B 83 -5.52 -8.22 -5.54
C GLY B 83 -6.84 -8.02 -6.25
N SER B 84 -6.81 -7.92 -7.58
CA SER B 84 -8.02 -7.73 -8.36
C SER B 84 -9.05 -8.83 -8.11
N VAL B 85 -8.58 -10.04 -7.80
CA VAL B 85 -9.50 -11.16 -7.58
C VAL B 85 -10.20 -11.18 -6.23
N LYS B 86 -9.83 -10.26 -5.34
CA LYS B 86 -10.48 -10.20 -4.03
C LYS B 86 -11.96 -9.83 -4.23
N SER B 87 -12.24 -9.09 -5.30
CA SER B 87 -13.61 -8.68 -5.61
C SER B 87 -14.36 -9.77 -6.36
N ARG B 88 -15.44 -10.29 -5.75
CA ARG B 88 -16.23 -11.32 -6.39
C ARG B 88 -16.80 -10.82 -7.71
N GLU B 89 -17.13 -9.53 -7.78
CA GLU B 89 -17.65 -8.92 -9.00
C GLU B 89 -16.64 -9.07 -10.13
N THR B 90 -15.42 -8.62 -9.89
CA THR B 90 -14.36 -8.73 -10.90
C THR B 90 -14.17 -10.19 -11.28
N ARG B 91 -14.16 -11.09 -10.30
CA ARG B 91 -13.99 -12.52 -10.60
C ARG B 91 -15.06 -13.03 -11.58
N ASN B 92 -16.31 -12.68 -11.34
CA ASN B 92 -17.37 -13.12 -12.24
C ASN B 92 -17.34 -12.38 -13.58
N ARG B 93 -16.90 -11.13 -13.56
CA ARG B 93 -16.80 -10.36 -14.79
C ARG B 93 -15.73 -10.99 -15.68
N LEU B 94 -14.57 -11.27 -15.10
CA LEU B 94 -13.50 -11.89 -15.85
C LEU B 94 -13.95 -13.21 -16.45
N SER B 95 -14.56 -14.08 -15.63
CA SER B 95 -15.02 -15.38 -16.12
C SER B 95 -16.05 -15.26 -17.22
N ALA B 96 -16.87 -14.22 -17.17
CA ALA B 96 -17.92 -14.02 -18.16
C ALA B 96 -17.52 -13.39 -19.48
N ARG B 97 -16.39 -12.68 -19.51
CA ARG B 97 -15.98 -11.99 -20.73
C ARG B 97 -14.69 -12.44 -21.39
N GLY B 98 -14.18 -13.61 -21.02
CA GLY B 98 -12.95 -14.08 -21.62
C GLY B 98 -12.40 -15.35 -21.01
N VAL B 99 -11.30 -15.82 -21.57
CA VAL B 99 -10.64 -17.04 -21.09
C VAL B 99 -9.71 -16.59 -19.97
N VAL B 100 -9.91 -17.12 -18.77
CA VAL B 100 -9.07 -16.74 -17.64
C VAL B 100 -7.86 -17.67 -17.54
N VAL B 101 -6.68 -17.06 -17.60
CA VAL B 101 -5.43 -17.80 -17.52
C VAL B 101 -4.74 -17.45 -16.22
N TYR B 102 -4.55 -18.47 -15.39
CA TYR B 102 -3.91 -18.30 -14.09
C TYR B 102 -2.42 -18.60 -14.18
N LEU B 103 -1.62 -17.61 -13.84
CA LEU B 103 -0.16 -17.78 -13.86
C LEU B 103 0.27 -18.15 -12.45
N GLU B 104 0.27 -19.46 -12.16
CA GLU B 104 0.67 -19.96 -10.86
C GLU B 104 2.15 -19.64 -10.71
N THR B 105 2.47 -18.86 -9.69
CA THR B 105 3.84 -18.43 -9.45
C THR B 105 4.31 -18.77 -8.05
N THR B 106 5.55 -19.24 -7.93
CA THR B 106 6.10 -19.59 -6.62
C THR B 106 6.38 -18.35 -5.79
N ILE B 107 6.35 -18.52 -4.48
CA ILE B 107 6.62 -17.44 -3.54
C ILE B 107 8.04 -16.91 -3.72
N GLU B 108 8.95 -17.81 -4.06
CA GLU B 108 10.36 -17.44 -4.28
C GLU B 108 10.43 -16.48 -5.46
N LYS B 109 9.72 -16.79 -6.53
CA LYS B 109 9.71 -15.93 -7.71
C LYS B 109 9.04 -14.59 -7.40
N GLN B 110 7.95 -14.64 -6.65
CA GLN B 110 7.24 -13.42 -6.27
C GLN B 110 8.16 -12.52 -5.48
N LEU B 111 8.84 -13.12 -4.50
CA LEU B 111 9.76 -12.38 -3.64
C LEU B 111 10.87 -11.72 -4.46
N ALA B 112 11.46 -12.47 -5.37
CA ALA B 112 12.53 -11.93 -6.20
C ALA B 112 11.96 -10.86 -7.15
N PRO B 128 11.71 -13.45 8.10
CA PRO B 128 11.62 -13.82 6.68
C PRO B 128 10.40 -13.21 6.00
N PRO B 129 10.61 -12.34 5.00
CA PRO B 129 9.49 -11.72 4.30
C PRO B 129 8.55 -12.72 3.61
N ARG B 130 9.04 -13.95 3.40
CA ARG B 130 8.27 -15.03 2.76
C ARG B 130 6.90 -15.18 3.40
N GLU B 131 6.86 -15.07 4.73
CA GLU B 131 5.63 -15.25 5.47
C GLU B 131 4.53 -14.26 5.06
N VAL B 132 4.93 -13.07 4.62
CA VAL B 132 3.92 -12.11 4.18
C VAL B 132 3.21 -12.71 2.97
N LEU B 133 3.99 -13.31 2.08
CA LEU B 133 3.42 -13.89 0.85
C LEU B 133 2.71 -15.22 1.09
N GLU B 134 3.10 -15.93 2.14
CA GLU B 134 2.45 -17.20 2.46
C GLU B 134 0.99 -16.94 2.84
N ALA B 135 0.77 -15.93 3.66
CA ALA B 135 -0.59 -15.58 4.11
C ALA B 135 -1.42 -15.08 2.94
N LEU B 136 -0.77 -14.35 2.04
CA LEU B 136 -1.43 -13.81 0.87
C LEU B 136 -1.83 -14.95 -0.05
N ALA B 137 -0.94 -15.92 -0.20
CA ALA B 137 -1.21 -17.07 -1.05
C ALA B 137 -2.38 -17.87 -0.49
N ASN B 138 -2.42 -18.00 0.83
CA ASN B 138 -3.50 -18.77 1.45
C ASN B 138 -4.85 -18.13 1.19
N GLU B 139 -4.87 -16.80 1.00
CA GLU B 139 -6.12 -16.10 0.72
C GLU B 139 -6.45 -16.04 -0.77
N ARG B 140 -5.49 -15.63 -1.59
CA ARG B 140 -5.71 -15.47 -3.02
C ARG B 140 -5.63 -16.71 -3.91
N ASN B 141 -4.81 -17.70 -3.54
CA ASN B 141 -4.71 -18.89 -4.39
C ASN B 141 -6.05 -19.55 -4.67
N PRO B 142 -6.93 -19.64 -3.66
CA PRO B 142 -8.21 -20.29 -3.96
C PRO B 142 -9.03 -19.47 -4.95
N LEU B 143 -8.81 -18.15 -4.94
CA LEU B 143 -9.56 -17.25 -5.81
C LEU B 143 -9.08 -17.36 -7.25
N TYR B 144 -7.76 -17.48 -7.45
CA TYR B 144 -7.21 -17.63 -8.80
C TYR B 144 -7.71 -18.98 -9.35
N GLU B 145 -7.61 -20.01 -8.53
CA GLU B 145 -8.04 -21.34 -8.94
C GLU B 145 -9.52 -21.43 -9.25
N GLU B 146 -10.37 -20.73 -8.49
CA GLU B 146 -11.79 -20.83 -8.74
C GLU B 146 -12.21 -20.37 -10.14
N ILE B 147 -11.56 -19.34 -10.68
CA ILE B 147 -11.92 -18.82 -12.01
C ILE B 147 -11.00 -19.23 -13.16
N ALA B 148 -9.95 -19.99 -12.87
CA ALA B 148 -9.01 -20.38 -13.92
C ALA B 148 -9.56 -21.36 -14.97
N ASP B 149 -9.40 -21.01 -16.24
CA ASP B 149 -9.83 -21.86 -17.34
C ASP B 149 -8.61 -22.66 -17.77
N VAL B 150 -7.46 -22.07 -17.51
CA VAL B 150 -6.17 -22.66 -17.83
C VAL B 150 -5.19 -22.23 -16.75
N THR B 151 -4.38 -23.16 -16.26
CA THR B 151 -3.39 -22.85 -15.24
C THR B 151 -1.99 -23.21 -15.77
N ILE B 152 -1.07 -22.26 -15.71
CA ILE B 152 0.30 -22.49 -16.17
C ILE B 152 1.28 -22.29 -15.01
N SER B 158 11.55 -17.55 -21.34
CA SER B 158 10.81 -17.18 -20.14
C SER B 158 9.35 -16.86 -20.48
N ALA B 159 9.10 -15.60 -20.82
CA ALA B 159 7.75 -15.16 -21.18
C ALA B 159 7.30 -15.82 -22.48
N LYS B 160 8.18 -15.80 -23.48
CA LYS B 160 7.90 -16.39 -24.79
C LYS B 160 7.44 -17.83 -24.62
N VAL B 161 8.15 -18.56 -23.76
CA VAL B 161 7.82 -19.95 -23.49
C VAL B 161 6.43 -20.05 -22.86
N VAL B 162 6.17 -19.23 -21.86
CA VAL B 162 4.88 -19.22 -21.19
C VAL B 162 3.81 -18.81 -22.20
N ALA B 163 4.08 -17.75 -22.96
CA ALA B 163 3.15 -17.25 -23.95
C ALA B 163 2.82 -18.31 -25.00
N ASN B 164 3.78 -19.19 -25.26
CA ASN B 164 3.56 -20.26 -26.24
C ASN B 164 2.78 -21.42 -25.64
N GLN B 165 2.98 -21.67 -24.35
CA GLN B 165 2.26 -22.75 -23.68
C GLN B 165 0.78 -22.38 -23.63
N ILE B 166 0.52 -21.11 -23.31
CA ILE B 166 -0.84 -20.58 -23.25
C ILE B 166 -1.49 -20.69 -24.64
N ILE B 167 -0.74 -20.27 -25.66
CA ILE B 167 -1.23 -20.32 -27.03
C ILE B 167 -1.55 -21.75 -27.45
N HIS B 168 -0.62 -22.66 -27.18
CA HIS B 168 -0.81 -24.07 -27.52
C HIS B 168 -1.94 -24.66 -26.69
N MET B 169 -2.16 -24.08 -25.52
CA MET B 169 -3.20 -24.55 -24.61
C MET B 169 -4.58 -24.03 -25.00
N LEU B 170 -4.61 -22.88 -25.66
CA LEU B 170 -5.88 -22.29 -26.11
C LEU B 170 -6.23 -22.73 -27.52
N GLU B 171 -5.39 -23.59 -28.10
CA GLU B 171 -5.61 -24.08 -29.45
C GLU B 171 -5.83 -22.91 -30.41
#